data_6BMQ
#
_entry.id   6BMQ
#
_cell.length_a   96.710
_cell.length_b   96.710
_cell.length_c   115.731
_cell.angle_alpha   90.00
_cell.angle_beta   90.00
_cell.angle_gamma   120.00
#
_symmetry.space_group_name_H-M   'P 32 2 1'
#
loop_
_entity.id
_entity.type
_entity.pdbx_description
1 polymer 'Bifunctional 3-dehydroquinate dehydratase/shikimate dehydrogenase, chloroplastic'
2 non-polymer 'SULFATE ION'
3 non-polymer '(1S,3R,4S,5R)-1,3,4,5-tetrahydroxycyclohexanecarboxylic acid'
4 water water
#
_entity_poly.entity_id   1
_entity_poly.type   'polypeptide(L)'
_entity_poly.pdbx_seq_one_letter_code
;VKNPSLICAPVMADSIDKMVIETSKAHELGADLVEIRLDWLKDFNPLEDLKTIIKKSPLPTLFTYRPKWEGGQYEGDENE
RRDVLRLAMELGADYIDVELQVASEFIKSIDGKKPGKFKVIVSSHNYQNTPSVEDLDGLVARIQQTGADIVKIATTAVDI
ADVARMFHITSKAQVPTIGLVMGERGLMSRILCSKFGGYLTFGTLDSSKVSAPGQPTIKDLLDLYNFRRIGPDTKVYGII
GKPVSHSKSPIVHNQAFKSVDFNGVYVHLLVDNLVSFLQAYSSSDFAGFSCGIPHKEAALQCCDEVDPLAKSIGAVNTIL
RRKSDGKLLGYNTDCIGSISAIEDGLRSSGDPSSVPSSSSPLASKTVVVIGAGGAGKALAYGAKEKGAKVVIANRTYERA
LELAEAIGGKALSLTDLDNYHPEDGMVLANTTSMGMQPNVEETPISKDALKHYALVFDAVYTPRITRLLREAEESGAITV
SGSEMFVRQAYEQFEIFTGLPAPKELYWQIMSKYGSRENLYFQ
;
_entity_poly.pdbx_strand_id   A
#
loop_
_chem_comp.id
_chem_comp.type
_chem_comp.name
_chem_comp.formula
QIC non-polymer '(1S,3R,4S,5R)-1,3,4,5-tetrahydroxycyclohexanecarboxylic acid' 'C7 H12 O6'
SO4 non-polymer 'SULFATE ION' 'O4 S -2'
#
# COMPACT_ATOMS: atom_id res chain seq x y z
N VAL A 1 -3.01 4.85 -21.87
CA VAL A 1 -2.41 4.84 -23.19
C VAL A 1 -1.59 3.57 -23.39
N LYS A 2 -1.64 3.03 -24.61
CA LYS A 2 -0.89 1.87 -25.10
C LYS A 2 -0.40 0.82 -24.05
N ASN A 3 0.89 0.47 -24.12
CA ASN A 3 1.44 -0.68 -23.41
C ASN A 3 1.25 -0.72 -21.90
N PRO A 4 1.27 -1.93 -21.32
CA PRO A 4 1.39 -2.07 -19.87
C PRO A 4 2.52 -1.24 -19.36
N SER A 5 2.44 -0.82 -18.10
CA SER A 5 3.49 0.00 -17.52
C SER A 5 4.82 -0.75 -17.40
N LEU A 6 5.90 -0.08 -17.74
CA LEU A 6 7.24 -0.55 -17.47
C LEU A 6 7.58 -0.40 -15.98
N ILE A 7 8.51 -1.22 -15.49
CA ILE A 7 9.04 -1.02 -14.16
C ILE A 7 10.49 -0.55 -14.22
N CYS A 8 10.73 0.68 -13.74
CA CYS A 8 12.06 1.29 -13.80
C CYS A 8 12.72 1.30 -12.42
N ALA A 9 13.97 0.87 -12.35
CA ALA A 9 14.72 0.88 -11.09
C ALA A 9 15.62 2.10 -11.00
N PRO A 10 15.41 2.93 -9.97
CA PRO A 10 16.32 4.06 -9.75
C PRO A 10 17.70 3.55 -9.33
N VAL A 11 18.73 4.05 -10.00
CA VAL A 11 20.09 3.67 -9.67
C VAL A 11 20.85 4.90 -9.16
N MET A 12 21.19 4.83 -7.89
CA MET A 12 21.62 5.98 -7.14
C MET A 12 22.93 5.77 -6.40
N ALA A 13 23.62 4.66 -6.69
CA ALA A 13 24.92 4.40 -6.06
C ALA A 13 25.86 5.57 -6.33
N ASP A 14 26.78 5.85 -5.40
CA ASP A 14 27.56 7.08 -5.51
C ASP A 14 28.89 6.86 -6.24
N SER A 15 29.09 5.67 -6.78
CA SER A 15 30.23 5.39 -7.63
C SER A 15 29.79 4.62 -8.87
N ILE A 16 30.60 4.73 -9.92
CA ILE A 16 30.27 4.13 -11.20
C ILE A 16 30.22 2.59 -11.12
N ASP A 17 31.20 1.99 -10.46
CA ASP A 17 31.25 0.55 -10.32
C ASP A 17 30.08 0.00 -9.51
N LYS A 18 29.66 0.72 -8.49
CA LYS A 18 28.50 0.27 -7.71
C LYS A 18 27.21 0.39 -8.55
N MET A 19 27.12 1.43 -9.37
CA MET A 19 25.97 1.56 -10.26
C MET A 19 25.87 0.37 -11.21
N VAL A 20 27.00 -0.06 -11.75
CA VAL A 20 26.97 -1.18 -12.68
C VAL A 20 26.35 -2.41 -12.02
N ILE A 21 26.78 -2.68 -10.79
CA ILE A 21 26.25 -3.77 -9.98
C ILE A 21 24.76 -3.57 -9.74
N GLU A 22 24.36 -2.34 -9.48
CA GLU A 22 22.94 -2.08 -9.27
C GLU A 22 22.10 -2.36 -10.53
N THR A 23 22.61 -2.03 -11.71
CA THR A 23 21.87 -2.32 -12.93
C THR A 23 21.70 -3.83 -13.12
N SER A 24 22.76 -4.60 -12.80
CA SER A 24 22.67 -6.05 -12.83
C SER A 24 21.61 -6.56 -11.86
N LYS A 25 21.63 -6.02 -10.65
CA LYS A 25 20.65 -6.39 -9.65
C LYS A 25 19.25 -6.07 -10.16
N ALA A 26 19.12 -4.95 -10.86
CA ALA A 26 17.83 -4.57 -11.44
C ALA A 26 17.35 -5.62 -12.43
N HIS A 27 18.25 -6.05 -13.31
CA HIS A 27 17.90 -7.10 -14.26
C HIS A 27 17.45 -8.35 -13.52
N GLU A 28 18.25 -8.77 -12.54
CA GLU A 28 17.91 -9.93 -11.68
C GLU A 28 16.51 -9.89 -11.10
N LEU A 29 16.15 -8.74 -10.50
CA LEU A 29 14.88 -8.59 -9.79
C LEU A 29 13.68 -8.53 -10.74
N GLY A 30 13.93 -8.26 -12.02
CA GLY A 30 12.86 -8.22 -12.99
C GLY A 30 12.49 -6.85 -13.51
N ALA A 31 13.24 -5.82 -13.14
CA ALA A 31 12.98 -4.48 -13.68
C ALA A 31 13.09 -4.45 -15.21
N ASP A 32 12.36 -3.51 -15.84
CA ASP A 32 12.37 -3.38 -17.30
C ASP A 32 13.44 -2.42 -17.80
N LEU A 33 13.81 -1.48 -16.94
CA LEU A 33 14.84 -0.50 -17.24
C LEU A 33 15.41 0.12 -15.96
N VAL A 34 16.43 0.93 -16.11
CA VAL A 34 17.06 1.58 -14.97
C VAL A 34 17.07 3.08 -15.19
N GLU A 35 16.84 3.86 -14.14
CA GLU A 35 17.10 5.29 -14.19
C GLU A 35 18.43 5.60 -13.53
N ILE A 36 19.41 6.01 -14.31
CA ILE A 36 20.72 6.34 -13.77
C ILE A 36 20.68 7.77 -13.24
N ARG A 37 20.77 7.91 -11.93
CA ARG A 37 20.74 9.23 -11.32
C ARG A 37 22.17 9.76 -11.22
N LEU A 38 22.60 10.40 -12.31
CA LEU A 38 23.96 10.89 -12.47
C LEU A 38 24.33 11.89 -11.41
N ASP A 39 23.33 12.60 -10.89
CA ASP A 39 23.57 13.63 -9.89
C ASP A 39 23.96 13.01 -8.53
N TRP A 40 23.83 11.70 -8.40
CA TRP A 40 24.23 11.02 -7.16
C TRP A 40 25.66 10.48 -7.19
N LEU A 41 26.35 10.58 -8.31
CA LEU A 41 27.74 10.16 -8.40
C LEU A 41 28.65 11.13 -7.67
N LYS A 42 29.49 10.65 -6.76
CA LYS A 42 30.38 11.54 -5.99
C LYS A 42 31.53 12.01 -6.87
N ASP A 43 32.08 11.08 -7.65
CA ASP A 43 33.05 11.44 -8.68
C ASP A 43 32.52 10.97 -10.01
N PHE A 44 32.53 11.87 -10.97
CA PHE A 44 31.90 11.62 -12.25
C PHE A 44 32.82 12.07 -13.38
N ASN A 45 33.17 11.12 -14.23
CA ASN A 45 33.90 11.42 -15.47
C ASN A 45 33.03 11.10 -16.66
N PRO A 46 32.23 12.09 -17.11
CA PRO A 46 31.09 11.87 -18.00
C PRO A 46 31.39 10.97 -19.18
N LEU A 47 32.37 11.32 -20.01
CA LEU A 47 32.63 10.55 -21.20
C LEU A 47 32.96 9.11 -20.84
N GLU A 48 33.92 8.93 -19.95
CA GLU A 48 34.35 7.61 -19.53
C GLU A 48 33.23 6.85 -18.80
N ASP A 49 32.58 7.51 -17.85
CA ASP A 49 31.58 6.82 -17.03
C ASP A 49 30.27 6.49 -17.79
N LEU A 50 29.78 7.43 -18.60
CA LEU A 50 28.60 7.17 -19.42
C LEU A 50 28.80 5.95 -20.31
N LYS A 51 29.98 5.89 -20.94
CA LYS A 51 30.35 4.78 -21.80
C LYS A 51 30.28 3.46 -21.04
N THR A 52 30.88 3.42 -19.85
CA THR A 52 30.87 2.22 -19.02
C THR A 52 29.46 1.71 -18.71
N ILE A 53 28.61 2.60 -18.21
CA ILE A 53 27.24 2.23 -17.86
C ILE A 53 26.45 1.69 -19.05
N ILE A 54 26.52 2.40 -20.16
CA ILE A 54 25.77 2.01 -21.37
C ILE A 54 26.25 0.66 -21.89
N LYS A 55 27.56 0.45 -21.83
CA LYS A 55 28.14 -0.84 -22.24
C LYS A 55 27.76 -1.98 -21.30
N LYS A 56 27.86 -1.74 -19.99
CA LYS A 56 27.71 -2.83 -19.02
C LYS A 56 26.28 -3.13 -18.50
N SER A 57 25.36 -2.18 -18.65
CA SER A 57 24.00 -2.39 -18.20
C SER A 57 23.29 -3.43 -19.05
N PRO A 58 22.73 -4.46 -18.40
CA PRO A 58 21.88 -5.46 -19.07
C PRO A 58 20.50 -4.93 -19.42
N LEU A 59 20.15 -3.73 -18.94
CA LEU A 59 18.83 -3.14 -19.18
C LEU A 59 18.91 -1.85 -19.99
N PRO A 60 17.81 -1.49 -20.69
CA PRO A 60 17.71 -0.16 -21.32
C PRO A 60 17.98 0.95 -20.28
N THR A 61 18.62 2.03 -20.70
CA THR A 61 19.06 3.05 -19.76
C THR A 61 18.30 4.35 -19.92
N LEU A 62 17.92 4.92 -18.79
CA LEU A 62 17.34 6.26 -18.74
C LEU A 62 18.29 7.12 -17.92
N PHE A 63 18.83 8.18 -18.51
CA PHE A 63 19.73 9.02 -17.75
C PHE A 63 19.08 10.29 -17.22
N THR A 64 19.38 10.59 -15.97
CA THR A 64 18.86 11.76 -15.29
C THR A 64 20.00 12.47 -14.59
N TYR A 65 20.13 13.78 -14.80
CA TYR A 65 21.17 14.55 -14.13
C TYR A 65 20.46 15.67 -13.39
N ARG A 66 19.86 15.31 -12.26
CA ARG A 66 18.88 16.18 -11.61
C ARG A 66 19.50 17.30 -10.79
N PRO A 67 19.17 18.55 -11.15
CA PRO A 67 19.68 19.76 -10.49
C PRO A 67 19.01 20.01 -9.14
N LYS A 68 19.68 20.75 -8.26
CA LYS A 68 19.11 21.13 -6.97
C LYS A 68 17.71 21.77 -7.10
N TRP A 69 17.48 22.56 -8.15
CA TRP A 69 16.20 23.27 -8.27
C TRP A 69 15.05 22.38 -8.72
N GLU A 70 15.30 21.07 -8.90
CA GLU A 70 14.21 20.16 -9.24
C GLU A 70 14.30 18.92 -8.34
N GLY A 71 14.77 19.15 -7.12
CA GLY A 71 14.82 18.08 -6.14
C GLY A 71 16.04 17.17 -6.23
N GLY A 72 17.01 17.52 -7.06
CA GLY A 72 18.16 16.64 -7.27
C GLY A 72 19.38 17.05 -6.48
N GLN A 73 20.52 16.48 -6.84
CA GLN A 73 21.76 16.74 -6.11
C GLN A 73 22.76 17.60 -6.87
N TYR A 74 22.57 17.77 -8.18
CA TYR A 74 23.57 18.47 -8.98
C TYR A 74 23.57 19.96 -8.73
N GLU A 75 24.76 20.48 -8.45
CA GLU A 75 25.02 21.91 -8.37
C GLU A 75 26.15 22.26 -9.34
N GLY A 76 26.07 23.43 -9.97
CA GLY A 76 27.11 23.81 -10.91
C GLY A 76 26.56 24.34 -12.20
N ASP A 77 27.41 24.35 -13.22
CA ASP A 77 27.09 24.97 -14.50
C ASP A 77 26.00 24.21 -15.23
N GLU A 78 25.03 24.97 -15.75
CA GLU A 78 23.84 24.39 -16.37
C GLU A 78 24.13 23.82 -17.77
N ASN A 79 24.97 24.51 -18.52
CA ASN A 79 25.40 24.02 -19.83
C ASN A 79 26.19 22.73 -19.71
N GLU A 80 27.04 22.61 -18.70
CA GLU A 80 27.78 21.38 -18.50
C GLU A 80 26.81 20.22 -18.19
N ARG A 81 25.77 20.50 -17.43
CA ARG A 81 24.77 19.49 -17.12
C ARG A 81 24.06 18.99 -18.38
N ARG A 82 23.67 19.92 -19.24
CA ARG A 82 23.04 19.57 -20.51
C ARG A 82 24.00 18.82 -21.43
N ASP A 83 25.28 19.20 -21.41
CA ASP A 83 26.31 18.52 -22.23
C ASP A 83 26.35 17.03 -21.93
N VAL A 84 26.30 16.69 -20.65
CA VAL A 84 26.27 15.31 -20.18
C VAL A 84 25.05 14.56 -20.73
N LEU A 85 23.88 15.17 -20.65
CA LEU A 85 22.66 14.53 -21.17
C LEU A 85 22.76 14.34 -22.68
N ARG A 86 23.24 15.35 -23.40
CA ARG A 86 23.42 15.22 -24.84
C ARG A 86 24.42 14.12 -25.14
N LEU A 87 25.46 14.02 -24.32
CA LEU A 87 26.46 13.00 -24.50
C LEU A 87 25.86 11.61 -24.29
N ALA A 88 25.08 11.46 -23.21
CA ALA A 88 24.35 10.22 -22.95
C ALA A 88 23.54 9.79 -24.17
N MET A 89 22.80 10.73 -24.74
CA MET A 89 22.05 10.46 -25.96
C MET A 89 22.96 9.92 -27.07
N GLU A 90 24.07 10.60 -27.34
CA GLU A 90 24.84 10.20 -28.49
C GLU A 90 25.73 8.99 -28.19
N LEU A 91 25.90 8.67 -26.90
CA LEU A 91 26.60 7.45 -26.54
C LEU A 91 25.67 6.24 -26.56
N GLY A 92 24.40 6.46 -26.88
CA GLY A 92 23.47 5.35 -27.02
C GLY A 92 22.44 5.15 -25.91
N ALA A 93 22.20 6.17 -25.10
CA ALA A 93 21.12 6.10 -24.11
C ALA A 93 19.77 5.78 -24.75
N ASP A 94 18.94 5.03 -24.05
CA ASP A 94 17.56 4.78 -24.50
C ASP A 94 16.61 5.96 -24.19
N TYR A 95 16.86 6.61 -23.06
CA TYR A 95 16.13 7.82 -22.69
C TYR A 95 17.03 8.79 -21.95
N ILE A 96 16.70 10.07 -22.03
CA ILE A 96 17.09 11.01 -20.97
C ILE A 96 15.82 11.66 -20.43
N ASP A 97 15.88 12.04 -19.16
CA ASP A 97 14.85 12.84 -18.52
C ASP A 97 15.37 14.27 -18.48
N VAL A 98 14.68 15.20 -19.11
CA VAL A 98 15.07 16.60 -19.01
C VAL A 98 13.92 17.41 -18.40
N GLU A 99 14.26 18.34 -17.51
CA GLU A 99 13.29 19.09 -16.72
C GLU A 99 12.50 20.06 -17.58
N LEU A 100 11.20 20.14 -17.33
CA LEU A 100 10.29 21.00 -18.08
C LEU A 100 10.84 22.42 -18.23
N GLN A 101 11.39 22.93 -17.14
CA GLN A 101 11.91 24.30 -17.09
C GLN A 101 12.90 24.65 -18.22
N VAL A 102 13.76 23.70 -18.61
CA VAL A 102 14.73 23.94 -19.68
C VAL A 102 14.52 23.06 -20.93
N ALA A 103 13.38 22.38 -21.00
CA ALA A 103 13.13 21.39 -22.04
C ALA A 103 13.09 21.97 -23.46
N SER A 104 12.51 23.15 -23.62
CA SER A 104 12.42 23.78 -24.96
C SER A 104 13.79 24.02 -25.55
N GLU A 105 14.63 24.71 -24.78
CA GLU A 105 16.02 24.97 -25.14
C GLU A 105 16.71 23.68 -25.47
N PHE A 106 16.56 22.70 -24.57
CA PHE A 106 17.33 21.48 -24.70
C PHE A 106 16.96 20.69 -25.96
N ILE A 107 15.67 20.56 -26.21
CA ILE A 107 15.20 19.76 -27.34
C ILE A 107 15.54 20.48 -28.65
N LYS A 108 15.48 21.81 -28.65
CA LYS A 108 16.02 22.58 -29.76
C LYS A 108 17.50 22.24 -30.02
N SER A 109 18.27 22.01 -28.97
CA SER A 109 19.70 21.74 -29.14
C SER A 109 20.02 20.40 -29.82
N ILE A 110 19.08 19.46 -29.78
CA ILE A 110 19.36 18.14 -30.35
C ILE A 110 18.48 17.88 -31.56
N ASP A 111 17.81 18.92 -32.02
CA ASP A 111 16.93 18.84 -33.18
C ASP A 111 17.64 18.28 -34.41
N GLY A 112 17.11 17.20 -34.96
CA GLY A 112 17.71 16.53 -36.10
C GLY A 112 19.01 15.84 -35.75
N LYS A 113 19.20 15.50 -34.48
CA LYS A 113 20.44 14.89 -34.03
C LYS A 113 20.17 13.70 -33.10
N LYS A 114 18.90 13.33 -32.98
CA LYS A 114 18.47 12.20 -32.15
C LYS A 114 18.63 10.87 -32.88
N PRO A 115 19.22 9.87 -32.20
CA PRO A 115 19.30 8.48 -32.66
C PRO A 115 17.92 7.83 -32.76
N GLY A 116 17.82 6.72 -33.48
CA GLY A 116 16.52 6.15 -33.80
C GLY A 116 15.72 5.61 -32.63
N LYS A 117 16.41 5.01 -31.66
CA LYS A 117 15.73 4.36 -30.55
C LYS A 117 15.43 5.35 -29.41
N PHE A 118 16.00 6.53 -29.52
CA PHE A 118 16.09 7.47 -28.42
C PHE A 118 14.80 8.24 -28.13
N LYS A 119 14.38 8.28 -26.86
CA LYS A 119 13.21 9.06 -26.49
C LYS A 119 13.54 10.08 -25.38
N VAL A 120 12.91 11.25 -25.46
CA VAL A 120 13.14 12.29 -24.47
C VAL A 120 11.97 12.36 -23.52
N ILE A 121 12.23 12.09 -22.25
CA ILE A 121 11.23 12.33 -21.24
C ILE A 121 11.36 13.77 -20.76
N VAL A 122 10.24 14.48 -20.66
CA VAL A 122 10.27 15.83 -20.11
C VAL A 122 9.42 15.82 -18.87
N SER A 123 10.00 16.23 -17.73
CA SER A 123 9.37 15.97 -16.45
C SER A 123 9.09 17.22 -15.64
N SER A 124 8.10 17.11 -14.77
CA SER A 124 7.75 18.17 -13.86
C SER A 124 7.48 17.54 -12.51
N HIS A 125 8.11 18.05 -11.46
CA HIS A 125 7.92 17.50 -10.13
C HIS A 125 7.30 18.51 -9.20
N ASN A 126 6.18 18.11 -8.60
CA ASN A 126 5.42 18.97 -7.68
C ASN A 126 5.49 18.38 -6.27
N TYR A 127 6.23 19.04 -5.37
CA TYR A 127 6.43 18.52 -4.02
C TYR A 127 5.40 19.08 -3.02
N GLN A 128 4.42 19.83 -3.49
CA GLN A 128 3.39 20.43 -2.63
C GLN A 128 2.09 19.66 -2.60
N ASN A 129 1.50 19.49 -3.77
CA ASN A 129 0.15 18.97 -3.82
C ASN A 129 -0.12 18.26 -5.14
N THR A 130 -1.38 17.94 -5.36
CA THR A 130 -1.79 17.43 -6.68
C THR A 130 -2.81 18.41 -7.22
N PRO A 131 -2.45 19.15 -8.27
CA PRO A 131 -3.34 20.18 -8.85
C PRO A 131 -4.65 19.64 -9.41
N SER A 132 -5.55 20.57 -9.72
CA SER A 132 -6.84 20.22 -10.32
C SER A 132 -6.63 19.59 -11.70
N VAL A 133 -7.64 18.91 -12.22
CA VAL A 133 -7.55 18.35 -13.56
C VAL A 133 -7.25 19.46 -14.58
N GLU A 134 -7.89 20.61 -14.38
CA GLU A 134 -7.64 21.80 -15.19
C GLU A 134 -6.15 22.12 -15.28
N ASP A 135 -5.50 22.23 -14.12
CA ASP A 135 -4.08 22.60 -14.07
C ASP A 135 -3.14 21.49 -14.58
N LEU A 136 -3.48 20.24 -14.28
CA LEU A 136 -2.73 19.12 -14.83
C LEU A 136 -2.80 19.08 -16.38
N ASP A 137 -3.99 19.33 -16.92
CA ASP A 137 -4.13 19.41 -18.37
C ASP A 137 -3.19 20.44 -18.98
N GLY A 138 -3.18 21.64 -18.40
CA GLY A 138 -2.31 22.69 -18.86
C GLY A 138 -0.86 22.26 -18.74
N LEU A 139 -0.54 21.57 -17.65
CA LEU A 139 0.81 21.05 -17.48
C LEU A 139 1.15 20.05 -18.58
N VAL A 140 0.24 19.12 -18.88
CA VAL A 140 0.49 18.18 -19.99
C VAL A 140 0.75 18.94 -21.29
N ALA A 141 -0.13 19.89 -21.60
CA ALA A 141 -0.02 20.65 -22.84
C ALA A 141 1.32 21.38 -22.94
N ARG A 142 1.74 22.04 -21.86
CA ARG A 142 3.04 22.69 -21.83
C ARG A 142 4.18 21.72 -22.08
N ILE A 143 4.14 20.56 -21.43
CA ILE A 143 5.22 19.60 -21.62
C ILE A 143 5.22 19.09 -23.07
N GLN A 144 4.04 18.82 -23.63
CA GLN A 144 3.94 18.42 -25.04
C GLN A 144 4.61 19.46 -25.95
N GLN A 145 4.37 20.73 -25.66
CA GLN A 145 4.83 21.81 -26.53
C GLN A 145 6.35 21.96 -26.58
N THR A 146 7.06 21.44 -25.59
CA THR A 146 8.52 21.42 -25.67
C THR A 146 9.04 20.46 -26.73
N GLY A 147 8.18 19.57 -27.22
CA GLY A 147 8.64 18.51 -28.12
C GLY A 147 9.02 17.21 -27.43
N ALA A 148 8.60 17.07 -26.17
CA ALA A 148 8.75 15.83 -25.41
C ALA A 148 8.26 14.60 -26.18
N ASP A 149 8.99 13.47 -26.06
CA ASP A 149 8.47 12.18 -26.54
C ASP A 149 7.53 11.60 -25.50
N ILE A 150 7.90 11.78 -24.23
CA ILE A 150 7.15 11.21 -23.12
C ILE A 150 6.93 12.29 -22.06
N VAL A 151 5.71 12.42 -21.58
CA VAL A 151 5.36 13.38 -20.54
C VAL A 151 5.56 12.75 -19.15
N LYS A 152 6.24 13.42 -18.25
CA LYS A 152 6.35 12.89 -16.87
C LYS A 152 5.90 13.92 -15.86
N ILE A 153 4.90 13.55 -15.08
CA ILE A 153 4.36 14.45 -14.11
C ILE A 153 4.32 13.72 -12.78
N ALA A 154 5.08 14.22 -11.82
CA ALA A 154 5.00 13.71 -10.46
C ALA A 154 4.37 14.77 -9.55
N THR A 155 3.34 14.38 -8.80
CA THR A 155 2.68 15.25 -7.85
C THR A 155 2.77 14.66 -6.45
N THR A 156 2.14 15.31 -5.49
CA THR A 156 2.27 14.91 -4.10
C THR A 156 0.88 14.70 -3.56
N ALA A 157 0.69 13.61 -2.81
CA ALA A 157 -0.61 13.31 -2.25
C ALA A 157 -0.81 14.00 -0.92
N VAL A 158 -1.72 14.97 -0.85
CA VAL A 158 -2.13 15.53 0.42
C VAL A 158 -3.22 14.64 1.02
N ASP A 159 -4.01 14.05 0.13
CA ASP A 159 -5.06 13.11 0.52
C ASP A 159 -5.13 12.03 -0.54
N ILE A 160 -5.62 10.84 -0.19
CA ILE A 160 -5.63 9.71 -1.13
C ILE A 160 -6.55 10.00 -2.33
N ALA A 161 -7.58 10.82 -2.10
CA ALA A 161 -8.47 11.27 -3.19
C ALA A 161 -7.73 11.95 -4.33
N ASP A 162 -6.55 12.49 -4.04
CA ASP A 162 -5.72 13.13 -5.09
C ASP A 162 -5.38 12.18 -6.24
N VAL A 163 -5.14 10.91 -5.92
CA VAL A 163 -4.68 9.96 -6.93
C VAL A 163 -5.65 9.83 -8.12
N ALA A 164 -6.95 9.94 -7.86
CA ALA A 164 -7.93 9.82 -8.94
C ALA A 164 -7.68 10.80 -10.10
N ARG A 165 -7.20 11.99 -9.77
CA ARG A 165 -6.93 12.99 -10.81
C ARG A 165 -5.75 12.55 -11.65
N MET A 166 -4.75 11.97 -10.99
CA MET A 166 -3.61 11.48 -11.72
C MET A 166 -4.01 10.31 -12.61
N PHE A 167 -4.89 9.43 -12.12
CA PHE A 167 -5.40 8.31 -12.94
C PHE A 167 -6.13 8.83 -14.19
N HIS A 168 -6.95 9.86 -14.01
CA HIS A 168 -7.66 10.46 -15.14
C HIS A 168 -6.68 10.99 -16.19
N ILE A 169 -5.58 11.61 -15.74
CA ILE A 169 -4.58 12.09 -16.69
C ILE A 169 -3.87 10.97 -17.46
N THR A 170 -3.38 9.95 -16.75
CA THR A 170 -2.68 8.88 -17.48
C THR A 170 -3.67 8.13 -18.37
N SER A 171 -4.90 7.98 -17.89
CA SER A 171 -5.97 7.25 -18.59
C SER A 171 -6.33 7.87 -19.94
N LYS A 172 -6.40 9.20 -19.99
CA LYS A 172 -7.00 9.89 -21.13
C LYS A 172 -6.05 10.78 -21.94
N ALA A 173 -4.87 11.10 -21.38
CA ALA A 173 -3.93 11.96 -22.14
C ALA A 173 -3.42 11.21 -23.36
N GLN A 174 -3.57 11.80 -24.55
CA GLN A 174 -3.19 11.08 -25.76
C GLN A 174 -1.73 11.31 -26.11
N VAL A 175 -0.88 10.91 -25.16
CA VAL A 175 0.57 11.06 -25.30
C VAL A 175 1.13 10.12 -24.23
N PRO A 176 2.26 9.46 -24.50
CA PRO A 176 2.77 8.57 -23.44
C PRO A 176 3.02 9.34 -22.16
N THR A 177 2.40 8.91 -21.07
CA THR A 177 2.46 9.67 -19.83
C THR A 177 2.95 8.81 -18.65
N ILE A 178 4.04 9.27 -18.04
CA ILE A 178 4.46 8.84 -16.70
C ILE A 178 3.82 9.77 -15.67
N GLY A 179 2.86 9.25 -14.94
CA GLY A 179 2.10 10.05 -14.00
C GLY A 179 2.07 9.37 -12.66
N LEU A 180 2.72 9.99 -11.69
CA LEU A 180 2.91 9.34 -10.38
C LEU A 180 2.63 10.32 -9.26
N VAL A 181 2.05 9.83 -8.17
CA VAL A 181 1.81 10.67 -7.01
C VAL A 181 2.66 10.20 -5.83
N MET A 182 3.48 11.10 -5.31
CA MET A 182 4.42 10.75 -4.24
C MET A 182 3.77 10.76 -2.86
N GLY A 183 4.44 10.11 -1.91
CA GLY A 183 3.98 10.08 -0.53
C GLY A 183 3.24 8.78 -0.27
N GLU A 184 3.10 8.41 1.00
CA GLU A 184 2.40 7.16 1.33
C GLU A 184 0.98 7.18 0.78
N ARG A 185 0.34 8.35 0.81
CA ARG A 185 -1.05 8.45 0.34
C ARG A 185 -1.17 8.35 -1.17
N GLY A 186 -0.05 8.44 -1.88
CA GLY A 186 -0.07 8.28 -3.31
C GLY A 186 0.36 6.90 -3.81
N LEU A 187 0.62 5.97 -2.87
CA LEU A 187 1.23 4.67 -3.22
C LEU A 187 0.43 3.92 -4.28
N MET A 188 -0.89 3.97 -4.15
CA MET A 188 -1.80 3.33 -5.09
C MET A 188 -1.52 3.73 -6.55
N SER A 189 -1.05 4.97 -6.73
CA SER A 189 -0.79 5.49 -8.08
C SER A 189 0.41 4.79 -8.73
N ARG A 190 1.28 4.23 -7.90
CA ARG A 190 2.49 3.55 -8.40
C ARG A 190 2.21 2.10 -8.73
N ILE A 191 1.11 1.58 -8.21
CA ILE A 191 0.82 0.17 -8.34
C ILE A 191 -0.12 -0.10 -9.50
N LEU A 192 -1.07 0.81 -9.71
CA LEU A 192 -2.16 0.53 -10.63
C LEU A 192 -1.93 1.13 -12.02
N CYS A 193 -0.70 1.49 -12.33
CA CYS A 193 -0.35 2.13 -13.61
C CYS A 193 -0.86 1.40 -14.85
N SER A 194 -0.76 0.07 -14.83
CA SER A 194 -1.16 -0.71 -16.00
C SER A 194 -2.68 -0.74 -16.19
N LYS A 195 -3.45 -0.48 -15.14
CA LYS A 195 -4.89 -0.29 -15.32
C LYS A 195 -5.26 1.09 -15.92
N PHE A 196 -4.51 2.11 -15.55
CA PHE A 196 -4.94 3.48 -15.86
C PHE A 196 -4.04 4.20 -16.88
N GLY A 197 -3.29 3.43 -17.67
CA GLY A 197 -2.58 3.98 -18.80
C GLY A 197 -1.18 4.54 -18.57
N GLY A 198 -0.67 4.41 -17.35
CA GLY A 198 0.67 4.89 -17.08
C GLY A 198 1.78 4.19 -17.86
N TYR A 199 2.68 4.98 -18.41
CA TYR A 199 3.80 4.45 -19.20
C TYR A 199 4.86 3.70 -18.36
N LEU A 200 5.07 4.12 -17.12
CA LEU A 200 6.17 3.61 -16.34
C LEU A 200 5.87 3.83 -14.86
N THR A 201 6.45 2.98 -14.02
CA THR A 201 6.46 3.21 -12.59
C THR A 201 7.86 2.91 -12.04
N PHE A 202 8.21 3.51 -10.91
CA PHE A 202 9.51 3.24 -10.28
C PHE A 202 9.37 2.28 -9.12
N GLY A 203 10.22 1.24 -9.13
CA GLY A 203 10.29 0.26 -8.06
C GLY A 203 11.73 0.18 -7.56
N THR A 204 11.93 0.07 -6.26
CA THR A 204 13.28 0.11 -5.71
C THR A 204 14.01 -1.23 -5.71
N LEU A 205 15.33 -1.17 -5.70
CA LEU A 205 16.16 -2.35 -5.60
C LEU A 205 15.95 -2.97 -4.22
N ASP A 206 15.78 -2.11 -3.23
CA ASP A 206 15.33 -2.50 -1.92
C ASP A 206 14.90 -1.23 -1.22
N SER A 207 14.29 -1.36 -0.04
CA SER A 207 13.67 -0.22 0.63
C SER A 207 14.65 0.91 1.02
N SER A 208 15.93 0.59 1.16
CA SER A 208 16.91 1.61 1.51
C SER A 208 17.23 2.52 0.31
N LYS A 209 16.84 2.09 -0.88
CA LYS A 209 17.22 2.82 -2.09
C LYS A 209 16.04 3.50 -2.78
N VAL A 210 15.34 4.36 -2.02
CA VAL A 210 14.21 5.15 -2.53
C VAL A 210 14.65 6.49 -3.14
N SER A 211 14.23 6.81 -4.37
CA SER A 211 14.62 8.08 -4.98
C SER A 211 13.55 9.17 -4.88
N ALA A 212 12.32 8.76 -4.55
CA ALA A 212 11.23 9.71 -4.25
C ALA A 212 10.21 9.02 -3.33
N PRO A 213 9.55 9.78 -2.45
CA PRO A 213 8.69 9.21 -1.39
C PRO A 213 7.59 8.26 -1.89
N GLY A 214 7.45 7.11 -1.24
CA GLY A 214 6.38 6.17 -1.54
C GLY A 214 6.67 5.00 -2.49
N GLN A 215 7.85 4.96 -3.10
CA GLN A 215 8.16 3.90 -4.06
C GLN A 215 8.20 2.54 -3.37
N PRO A 216 7.49 1.54 -3.93
CA PRO A 216 7.60 0.17 -3.42
C PRO A 216 8.85 -0.50 -3.96
N THR A 217 9.16 -1.71 -3.50
CA THR A 217 10.26 -2.45 -4.13
C THR A 217 9.78 -3.10 -5.42
N ILE A 218 10.72 -3.34 -6.33
CA ILE A 218 10.47 -4.13 -7.53
C ILE A 218 9.87 -5.50 -7.18
N LYS A 219 10.42 -6.13 -6.14
CA LYS A 219 9.97 -7.44 -5.73
C LYS A 219 8.50 -7.39 -5.24
N ASP A 220 8.13 -6.36 -4.50
CA ASP A 220 6.74 -6.26 -4.07
C ASP A 220 5.79 -5.97 -5.23
N LEU A 221 6.20 -5.09 -6.15
CA LEU A 221 5.40 -4.81 -7.35
C LEU A 221 5.06 -6.11 -8.05
N LEU A 222 6.09 -6.89 -8.36
CA LEU A 222 5.96 -8.14 -9.09
C LEU A 222 5.32 -9.27 -8.30
N ASP A 223 5.73 -9.48 -7.05
CA ASP A 223 5.32 -10.69 -6.33
C ASP A 223 4.18 -10.47 -5.35
N LEU A 224 4.09 -9.27 -4.80
CA LEU A 224 3.08 -8.99 -3.81
C LEU A 224 1.83 -8.45 -4.47
N TYR A 225 1.99 -7.41 -5.30
CA TYR A 225 0.87 -6.76 -5.96
C TYR A 225 0.59 -7.36 -7.33
N ASN A 226 1.36 -8.36 -7.74
CA ASN A 226 1.19 -9.04 -9.04
C ASN A 226 1.12 -8.05 -10.20
N PHE A 227 2.09 -7.14 -10.25
CA PHE A 227 2.08 -6.01 -11.20
C PHE A 227 1.74 -6.41 -12.66
N ARG A 228 2.36 -7.48 -13.17
CA ARG A 228 2.19 -7.87 -14.57
C ARG A 228 0.78 -8.32 -14.92
N ARG A 229 -0.01 -8.72 -13.92
CA ARG A 229 -1.40 -9.15 -14.12
C ARG A 229 -2.43 -8.03 -14.09
N ILE A 230 -2.00 -6.83 -13.73
CA ILE A 230 -2.92 -5.68 -13.64
C ILE A 230 -3.16 -5.14 -15.03
N GLY A 231 -4.43 -5.02 -15.40
CA GLY A 231 -4.81 -4.51 -16.70
C GLY A 231 -6.01 -3.57 -16.62
N PRO A 232 -6.41 -3.00 -17.75
CA PRO A 232 -7.51 -2.03 -17.79
C PRO A 232 -8.81 -2.53 -17.14
N ASP A 233 -9.04 -3.83 -17.18
CA ASP A 233 -10.30 -4.39 -16.64
C ASP A 233 -10.17 -4.93 -15.23
N THR A 234 -8.96 -4.93 -14.69
CA THR A 234 -8.76 -5.46 -13.34
C THR A 234 -9.58 -4.65 -12.31
N LYS A 235 -10.28 -5.35 -11.44
CA LYS A 235 -11.03 -4.72 -10.38
C LYS A 235 -10.11 -4.42 -9.19
N VAL A 236 -10.30 -3.26 -8.58
CA VAL A 236 -9.44 -2.84 -7.48
C VAL A 236 -10.12 -3.04 -6.14
N TYR A 237 -9.42 -3.66 -5.21
CA TYR A 237 -9.85 -3.80 -3.82
C TYR A 237 -8.78 -3.21 -2.91
N GLY A 238 -9.10 -3.01 -1.64
CA GLY A 238 -8.08 -2.53 -0.75
C GLY A 238 -8.49 -2.49 0.69
N ILE A 239 -7.50 -2.33 1.58
CA ILE A 239 -7.78 -2.17 3.01
C ILE A 239 -7.82 -0.67 3.37
N ILE A 240 -9.03 -0.19 3.69
CA ILE A 240 -9.26 1.18 4.15
C ILE A 240 -8.94 1.26 5.64
N GLY A 241 -8.01 2.14 5.99
CA GLY A 241 -7.56 2.25 7.37
C GLY A 241 -6.64 3.42 7.60
N LYS A 242 -6.30 3.63 8.87
CA LYS A 242 -5.32 4.63 9.33
C LYS A 242 -4.84 4.27 10.74
N PRO A 243 -3.60 3.79 10.88
CA PRO A 243 -2.65 3.51 9.79
C PRO A 243 -3.05 2.26 9.02
N VAL A 244 -2.28 2.00 7.97
CA VAL A 244 -2.58 0.94 7.02
C VAL A 244 -1.31 0.15 6.66
N SER A 245 -0.14 0.71 6.98
CA SER A 245 1.11 0.22 6.43
C SER A 245 1.52 -1.14 7.01
N HIS A 246 0.90 -1.55 8.11
CA HIS A 246 1.22 -2.83 8.74
C HIS A 246 0.44 -3.98 8.12
N SER A 247 -0.63 -3.66 7.39
CA SER A 247 -1.60 -4.68 6.99
C SER A 247 -1.03 -5.70 6.01
N LYS A 248 -1.28 -6.97 6.31
CA LYS A 248 -0.92 -8.04 5.38
C LYS A 248 -2.11 -8.47 4.53
N SER A 249 -3.22 -7.71 4.58
CA SER A 249 -4.37 -8.00 3.71
C SER A 249 -3.98 -8.00 2.22
N PRO A 250 -3.18 -7.00 1.79
CA PRO A 250 -2.75 -7.12 0.38
C PRO A 250 -1.89 -8.36 0.10
N ILE A 251 -1.10 -8.82 1.06
CA ILE A 251 -0.33 -10.05 0.77
C ILE A 251 -1.26 -11.23 0.49
N VAL A 252 -2.24 -11.46 1.38
CA VAL A 252 -3.02 -12.69 1.28
C VAL A 252 -4.05 -12.61 0.11
N HIS A 253 -4.79 -11.52 -0.03
CA HIS A 253 -5.80 -11.42 -1.08
C HIS A 253 -5.18 -11.45 -2.50
N ASN A 254 -4.07 -10.74 -2.72
CA ASN A 254 -3.43 -10.83 -4.03
C ASN A 254 -2.91 -12.26 -4.38
N GLN A 255 -2.41 -12.99 -3.41
CA GLN A 255 -2.00 -14.38 -3.69
C GLN A 255 -3.21 -15.22 -4.09
N ALA A 256 -4.27 -15.10 -3.29
CA ALA A 256 -5.52 -15.82 -3.55
C ALA A 256 -6.11 -15.46 -4.90
N PHE A 257 -6.23 -14.15 -5.20
CA PHE A 257 -6.71 -13.71 -6.51
C PHE A 257 -5.92 -14.39 -7.62
N LYS A 258 -4.61 -14.32 -7.48
CA LYS A 258 -3.72 -14.88 -8.50
C LYS A 258 -3.91 -16.39 -8.60
N SER A 259 -3.98 -17.05 -7.43
CA SER A 259 -4.13 -18.51 -7.38
C SER A 259 -5.39 -19.00 -8.11
N VAL A 260 -6.52 -18.31 -7.94
CA VAL A 260 -7.75 -18.71 -8.61
C VAL A 260 -7.98 -17.96 -9.92
N ASP A 261 -6.94 -17.26 -10.39
CA ASP A 261 -7.02 -16.46 -11.62
C ASP A 261 -8.22 -15.53 -11.65
N PHE A 262 -8.45 -14.82 -10.53
CA PHE A 262 -9.49 -13.79 -10.47
C PHE A 262 -8.88 -12.44 -10.83
N ASN A 263 -9.52 -11.71 -11.75
CA ASN A 263 -8.95 -10.45 -12.21
C ASN A 263 -9.19 -9.29 -11.23
N GLY A 264 -8.50 -9.36 -10.10
CA GLY A 264 -8.59 -8.35 -9.06
C GLY A 264 -7.20 -8.02 -8.54
N VAL A 265 -7.08 -6.87 -7.88
CA VAL A 265 -5.82 -6.47 -7.26
C VAL A 265 -6.17 -5.76 -5.97
N TYR A 266 -5.37 -5.97 -4.94
CA TYR A 266 -5.67 -5.46 -3.60
C TYR A 266 -4.52 -4.56 -3.14
N VAL A 267 -4.82 -3.34 -2.70
CA VAL A 267 -3.79 -2.39 -2.29
C VAL A 267 -4.05 -1.83 -0.89
N HIS A 268 -3.06 -1.16 -0.33
CA HIS A 268 -3.26 -0.36 0.86
C HIS A 268 -3.97 0.94 0.54
N LEU A 269 -4.94 1.29 1.37
CA LEU A 269 -5.70 2.53 1.20
C LEU A 269 -5.58 3.36 2.49
N LEU A 270 -4.57 4.23 2.56
CA LEU A 270 -4.44 5.11 3.71
C LEU A 270 -5.49 6.21 3.61
N VAL A 271 -6.54 6.11 4.42
CA VAL A 271 -7.70 6.97 4.29
C VAL A 271 -7.88 7.82 5.54
N ASP A 272 -7.85 9.14 5.36
CA ASP A 272 -8.03 10.07 6.45
C ASP A 272 -9.51 10.28 6.70
N ASN A 273 -10.25 10.38 5.60
CA ASN A 273 -11.65 10.70 5.65
C ASN A 273 -12.49 9.71 4.82
N LEU A 274 -13.24 8.86 5.50
CA LEU A 274 -13.95 7.77 4.86
C LEU A 274 -14.94 8.25 3.80
N VAL A 275 -15.77 9.22 4.18
CA VAL A 275 -16.83 9.72 3.29
C VAL A 275 -16.24 10.26 2.00
N SER A 276 -15.21 11.10 2.10
CA SER A 276 -14.61 11.66 0.90
C SER A 276 -13.94 10.57 0.08
N PHE A 277 -13.41 9.55 0.77
CA PHE A 277 -12.72 8.49 0.04
C PHE A 277 -13.71 7.75 -0.86
N LEU A 278 -14.80 7.26 -0.27
CA LEU A 278 -15.82 6.50 -1.00
C LEU A 278 -16.46 7.32 -2.11
N GLN A 279 -16.55 8.63 -1.91
CA GLN A 279 -17.05 9.48 -2.99
C GLN A 279 -16.04 9.62 -4.14
N ALA A 280 -14.76 9.79 -3.80
CA ALA A 280 -13.71 9.91 -4.82
C ALA A 280 -13.53 8.64 -5.66
N TYR A 281 -13.88 7.48 -5.11
CA TYR A 281 -13.66 6.21 -5.79
C TYR A 281 -14.95 5.40 -5.85
N SER A 282 -15.95 5.97 -6.50
CA SER A 282 -17.28 5.38 -6.57
C SER A 282 -17.48 4.54 -7.83
N SER A 283 -16.52 4.59 -8.76
CA SER A 283 -16.69 3.92 -10.03
C SER A 283 -16.63 2.41 -9.88
N SER A 284 -17.03 1.70 -10.93
CA SER A 284 -17.01 0.25 -10.97
C SER A 284 -15.59 -0.30 -10.83
N ASP A 285 -14.60 0.54 -11.10
CA ASP A 285 -13.18 0.19 -10.99
C ASP A 285 -12.86 -0.28 -9.58
N PHE A 286 -13.61 0.22 -8.61
CA PHE A 286 -13.31 -0.03 -7.21
C PHE A 286 -14.42 -0.85 -6.59
N ALA A 287 -14.17 -2.16 -6.50
CA ALA A 287 -15.23 -3.14 -6.35
C ALA A 287 -15.45 -3.60 -4.92
N GLY A 288 -14.47 -3.38 -4.05
CA GLY A 288 -14.66 -3.78 -2.68
C GLY A 288 -13.56 -3.34 -1.75
N PHE A 289 -13.88 -3.28 -0.46
CA PHE A 289 -12.92 -2.81 0.52
C PHE A 289 -12.97 -3.63 1.79
N SER A 290 -11.80 -3.83 2.39
CA SER A 290 -11.78 -4.21 3.78
C SER A 290 -11.69 -2.91 4.57
N CYS A 291 -12.33 -2.86 5.73
CA CYS A 291 -12.28 -1.68 6.61
C CYS A 291 -11.56 -1.97 7.90
N GLY A 292 -10.47 -1.26 8.16
CA GLY A 292 -9.77 -1.37 9.43
C GLY A 292 -9.99 -0.15 10.29
N ILE A 293 -9.34 -0.14 11.45
CA ILE A 293 -9.26 1.02 12.33
C ILE A 293 -8.81 2.24 11.53
N PRO A 294 -9.50 3.39 11.69
CA PRO A 294 -10.62 3.67 12.59
C PRO A 294 -11.98 3.77 11.86
N HIS A 295 -12.20 2.95 10.85
CA HIS A 295 -13.31 3.20 9.95
C HIS A 295 -14.40 2.13 9.97
N LYS A 296 -14.29 1.17 10.88
CA LYS A 296 -15.21 0.04 10.87
C LYS A 296 -16.61 0.46 11.27
N GLU A 297 -16.69 1.06 12.44
CA GLU A 297 -17.95 1.56 12.98
C GLU A 297 -18.52 2.60 12.01
N ALA A 298 -17.64 3.46 11.52
CA ALA A 298 -18.07 4.48 10.57
C ALA A 298 -18.66 3.90 9.29
N ALA A 299 -17.99 2.90 8.69
CA ALA A 299 -18.41 2.36 7.39
C ALA A 299 -19.86 1.85 7.38
N LEU A 300 -20.35 1.42 8.55
CA LEU A 300 -21.73 1.01 8.70
C LEU A 300 -22.69 2.09 8.20
N GLN A 301 -22.34 3.35 8.39
CA GLN A 301 -23.16 4.48 7.94
C GLN A 301 -23.08 4.74 6.44
N CYS A 302 -21.92 4.49 5.83
CA CYS A 302 -21.75 4.82 4.42
C CYS A 302 -22.31 3.74 3.50
N CYS A 303 -22.68 2.60 4.08
CA CYS A 303 -23.21 1.50 3.30
C CYS A 303 -24.70 1.70 3.02
N ASP A 304 -25.12 1.38 1.79
CA ASP A 304 -26.51 1.52 1.38
C ASP A 304 -27.36 0.38 1.91
N GLU A 305 -26.80 -0.82 1.90
CA GLU A 305 -27.44 -1.95 2.55
C GLU A 305 -26.46 -2.55 3.53
N VAL A 306 -26.97 -3.08 4.63
CA VAL A 306 -26.13 -3.63 5.68
C VAL A 306 -26.61 -5.01 6.09
N ASP A 307 -25.71 -5.98 6.07
CA ASP A 307 -26.03 -7.35 6.46
C ASP A 307 -26.53 -7.39 7.89
N PRO A 308 -27.55 -8.21 8.16
CA PRO A 308 -28.16 -8.30 9.49
C PRO A 308 -27.12 -8.46 10.59
N LEU A 309 -26.17 -9.34 10.39
CA LEU A 309 -25.15 -9.57 11.41
C LEU A 309 -24.37 -8.29 11.62
N ALA A 310 -24.20 -7.51 10.56
CA ALA A 310 -23.44 -6.26 10.66
C ALA A 310 -24.24 -5.18 11.37
N LYS A 311 -25.53 -5.10 11.05
CA LYS A 311 -26.42 -4.19 11.76
C LYS A 311 -26.52 -4.57 13.23
N SER A 312 -26.72 -5.86 13.49
CA SER A 312 -26.78 -6.35 14.85
C SER A 312 -25.47 -6.07 15.63
N ILE A 313 -24.34 -5.97 14.93
CA ILE A 313 -23.06 -5.69 15.58
C ILE A 313 -22.84 -4.18 15.72
N GLY A 314 -23.16 -3.44 14.66
CA GLY A 314 -23.01 -2.00 14.66
C GLY A 314 -21.74 -1.55 13.96
N ALA A 315 -21.13 -2.46 13.20
CA ALA A 315 -19.86 -2.15 12.52
C ALA A 315 -19.66 -2.97 11.25
N VAL A 316 -19.08 -2.33 10.24
CA VAL A 316 -18.76 -2.99 8.98
C VAL A 316 -17.24 -3.10 8.78
N ASN A 317 -16.73 -4.31 8.59
CA ASN A 317 -15.30 -4.47 8.22
C ASN A 317 -15.12 -4.88 6.74
N THR A 318 -16.23 -5.15 6.03
CA THR A 318 -16.14 -5.51 4.60
C THR A 318 -17.19 -4.78 3.76
N ILE A 319 -16.75 -4.12 2.70
CA ILE A 319 -17.64 -3.38 1.81
C ILE A 319 -17.57 -3.92 0.38
N LEU A 320 -18.72 -4.30 -0.16
CA LEU A 320 -18.83 -4.73 -1.55
C LEU A 320 -19.63 -3.72 -2.36
N ARG A 321 -19.11 -3.31 -3.51
CA ARG A 321 -19.84 -2.41 -4.41
C ARG A 321 -20.57 -3.26 -5.46
N ARG A 322 -21.90 -3.30 -5.35
CA ARG A 322 -22.71 -4.13 -6.24
C ARG A 322 -22.65 -3.67 -7.68
N LYS A 323 -22.37 -4.63 -8.57
CA LYS A 323 -22.27 -4.39 -9.99
C LYS A 323 -23.56 -3.76 -10.52
N SER A 324 -24.70 -4.24 -10.02
CA SER A 324 -26.03 -3.77 -10.41
C SER A 324 -26.22 -2.27 -10.24
N ASP A 325 -26.44 -1.88 -8.98
CA ASP A 325 -26.65 -0.49 -8.59
C ASP A 325 -25.38 0.36 -8.76
N GLY A 326 -24.37 0.01 -7.96
CA GLY A 326 -23.20 0.83 -7.76
C GLY A 326 -23.20 1.14 -6.28
N LYS A 327 -24.06 0.39 -5.58
CA LYS A 327 -24.35 0.64 -4.18
C LYS A 327 -23.53 -0.21 -3.23
N LEU A 328 -23.20 0.37 -2.09
CA LEU A 328 -22.30 -0.27 -1.15
C LEU A 328 -23.04 -1.18 -0.19
N LEU A 329 -22.59 -2.44 -0.14
CA LEU A 329 -23.13 -3.44 0.76
C LEU A 329 -22.11 -3.73 1.86
N GLY A 330 -22.56 -3.65 3.12
CA GLY A 330 -21.67 -3.82 4.26
C GLY A 330 -21.82 -5.14 5.01
N TYR A 331 -20.71 -5.78 5.32
CA TYR A 331 -20.72 -7.05 6.02
C TYR A 331 -19.74 -6.99 7.19
N ASN A 332 -19.83 -7.99 8.07
CA ASN A 332 -18.85 -8.11 9.15
C ASN A 332 -18.31 -9.53 9.26
N THR A 333 -17.02 -9.69 8.98
CA THR A 333 -16.38 -10.98 9.07
C THR A 333 -15.51 -11.06 10.33
N ASP A 334 -15.50 -9.99 11.12
CA ASP A 334 -14.75 -9.99 12.38
C ASP A 334 -15.37 -10.95 13.40
N CYS A 335 -16.70 -11.03 13.44
CA CYS A 335 -17.34 -11.80 14.51
C CYS A 335 -16.95 -13.26 14.45
N ILE A 336 -17.25 -13.92 13.34
CA ILE A 336 -16.99 -15.36 13.26
C ILE A 336 -15.50 -15.69 13.29
N GLY A 337 -14.66 -14.81 12.73
CA GLY A 337 -13.22 -15.02 12.78
C GLY A 337 -12.64 -14.96 14.19
N SER A 338 -13.19 -14.10 15.03
CA SER A 338 -12.72 -13.94 16.40
C SER A 338 -13.15 -15.12 17.23
N ILE A 339 -14.44 -15.39 17.18
CA ILE A 339 -15.05 -16.46 17.98
C ILE A 339 -14.47 -17.82 17.62
N SER A 340 -14.39 -18.12 16.32
CA SER A 340 -13.90 -19.42 15.89
C SER A 340 -12.46 -19.64 16.32
N ALA A 341 -11.65 -18.59 16.24
CA ALA A 341 -10.24 -18.67 16.64
C ALA A 341 -10.11 -18.99 18.14
N ILE A 342 -10.96 -18.36 18.94
CA ILE A 342 -10.97 -18.59 20.38
C ILE A 342 -11.44 -20.01 20.73
N GLU A 343 -12.58 -20.41 20.16
CA GLU A 343 -13.14 -21.75 20.39
C GLU A 343 -12.10 -22.82 20.04
N ASP A 344 -11.43 -22.64 18.90
CA ASP A 344 -10.38 -23.56 18.48
C ASP A 344 -9.26 -23.62 19.50
N GLY A 345 -8.99 -22.49 20.16
CA GLY A 345 -8.02 -22.44 21.24
C GLY A 345 -8.38 -23.35 22.41
N LEU A 346 -9.68 -23.48 22.67
CA LEU A 346 -10.21 -24.37 23.71
C LEU A 346 -10.50 -25.77 23.18
N THR A 366 -16.44 -17.06 31.10
CA THR A 366 -16.65 -15.63 30.96
C THR A 366 -15.46 -14.91 30.28
N VAL A 367 -15.77 -13.99 29.37
CA VAL A 367 -14.73 -13.36 28.54
C VAL A 367 -14.61 -11.85 28.74
N VAL A 368 -13.37 -11.38 28.85
CA VAL A 368 -13.08 -9.95 28.99
C VAL A 368 -12.60 -9.34 27.66
N VAL A 369 -13.42 -8.47 27.08
CA VAL A 369 -13.11 -7.85 25.80
C VAL A 369 -12.45 -6.47 25.93
N ILE A 370 -11.16 -6.39 25.60
CA ILE A 370 -10.44 -5.11 25.60
C ILE A 370 -10.74 -4.31 24.34
N GLY A 371 -11.29 -3.12 24.51
CA GLY A 371 -11.58 -2.27 23.36
C GLY A 371 -13.05 -2.33 23.01
N ALA A 372 -13.57 -1.20 22.54
CA ALA A 372 -14.97 -1.05 22.22
C ALA A 372 -15.13 -0.36 20.87
N GLY A 373 -14.15 -0.59 20.00
CA GLY A 373 -14.30 -0.22 18.61
C GLY A 373 -14.95 -1.37 17.84
N GLY A 374 -14.91 -1.25 16.52
CA GLY A 374 -15.50 -2.21 15.59
C GLY A 374 -15.21 -3.65 15.89
N ALA A 375 -13.96 -3.95 16.23
CA ALA A 375 -13.56 -5.31 16.54
C ALA A 375 -14.11 -5.75 17.90
N GLY A 376 -14.14 -4.81 18.85
CA GLY A 376 -14.63 -5.11 20.17
C GLY A 376 -16.12 -5.41 20.10
N LYS A 377 -16.84 -4.60 19.33
CA LYS A 377 -18.25 -4.82 19.07
C LYS A 377 -18.53 -6.23 18.55
N ALA A 378 -17.79 -6.62 17.51
CA ALA A 378 -18.00 -7.93 16.90
C ALA A 378 -17.68 -9.04 17.89
N LEU A 379 -16.57 -8.91 18.61
CA LEU A 379 -16.16 -9.99 19.50
C LEU A 379 -17.10 -10.09 20.71
N ALA A 380 -17.51 -8.94 21.23
CA ALA A 380 -18.46 -8.91 22.34
C ALA A 380 -19.77 -9.59 21.95
N TYR A 381 -20.34 -9.15 20.83
CA TYR A 381 -21.60 -9.67 20.32
C TYR A 381 -21.59 -11.19 20.14
N GLY A 382 -20.55 -11.71 19.51
CA GLY A 382 -20.45 -13.13 19.27
C GLY A 382 -20.19 -13.92 20.53
N ALA A 383 -19.61 -13.28 21.55
CA ALA A 383 -19.29 -13.97 22.79
C ALA A 383 -20.56 -14.22 23.63
N LYS A 384 -21.46 -13.24 23.66
CA LYS A 384 -22.72 -13.38 24.38
C LYS A 384 -23.59 -14.45 23.70
N GLU A 385 -23.26 -14.76 22.45
CA GLU A 385 -24.08 -15.69 21.70
C GLU A 385 -23.68 -17.15 21.90
N LYS A 386 -22.48 -17.41 22.40
CA LYS A 386 -21.94 -18.77 22.36
C LYS A 386 -21.46 -19.40 23.69
N GLY A 387 -22.23 -19.22 24.76
CA GLY A 387 -21.88 -19.86 26.03
C GLY A 387 -21.66 -18.89 27.18
N ALA A 388 -20.52 -19.01 27.86
CA ALA A 388 -20.12 -18.05 28.90
C ALA A 388 -20.09 -16.64 28.33
N LYS A 389 -20.37 -15.63 29.16
CA LYS A 389 -20.49 -14.28 28.63
C LYS A 389 -19.67 -13.20 29.36
N VAL A 390 -19.95 -11.96 28.97
CA VAL A 390 -18.89 -10.99 28.67
C VAL A 390 -18.80 -9.70 29.49
N VAL A 391 -17.57 -9.36 29.86
CA VAL A 391 -17.19 -8.07 30.42
C VAL A 391 -16.43 -7.23 29.38
N ILE A 392 -16.78 -5.95 29.27
CA ILE A 392 -16.10 -5.03 28.35
C ILE A 392 -15.13 -4.10 29.10
N ALA A 393 -13.94 -3.90 28.53
CA ALA A 393 -12.95 -2.99 29.09
C ALA A 393 -12.39 -2.06 28.02
N ASN A 394 -12.38 -0.77 28.29
CA ASN A 394 -11.88 0.19 27.30
C ASN A 394 -11.21 1.42 27.91
N ARG A 395 -10.32 2.05 27.13
CA ARG A 395 -9.68 3.31 27.52
C ARG A 395 -10.73 4.28 28.02
N THR A 396 -11.60 4.72 27.12
CA THR A 396 -12.72 5.56 27.48
C THR A 396 -13.84 4.69 28.08
N TYR A 397 -14.20 4.97 29.33
CA TYR A 397 -15.09 4.09 30.09
C TYR A 397 -16.50 4.04 29.54
N GLU A 398 -16.96 5.17 29.00
CA GLU A 398 -18.34 5.29 28.52
C GLU A 398 -18.63 4.23 27.47
N ARG A 399 -17.64 3.95 26.64
CA ARG A 399 -17.78 2.95 25.60
C ARG A 399 -17.63 1.54 26.19
N GLU A 402 -21.30 1.59 27.71
CA GLU A 402 -22.34 1.67 26.69
C GLU A 402 -22.51 0.33 25.99
N LEU A 403 -21.39 -0.21 25.54
CA LEU A 403 -21.36 -1.50 24.86
C LEU A 403 -21.88 -2.59 25.78
N ALA A 404 -21.39 -2.57 27.03
CA ALA A 404 -21.69 -3.61 28.03
C ALA A 404 -23.18 -3.66 28.36
N GLU A 405 -23.84 -2.51 28.29
CA GLU A 405 -25.27 -2.49 28.49
C GLU A 405 -26.00 -3.04 27.26
N ALA A 406 -25.49 -2.69 26.07
CA ALA A 406 -26.15 -3.07 24.82
C ALA A 406 -26.10 -4.57 24.55
N ILE A 407 -25.24 -5.29 25.25
CA ILE A 407 -25.20 -6.74 25.05
C ILE A 407 -25.18 -7.50 26.38
N GLY A 408 -25.36 -6.79 27.49
CA GLY A 408 -25.39 -7.40 28.80
C GLY A 408 -24.03 -7.51 29.45
N ALA A 411 -19.53 -3.12 32.24
CA ALA A 411 -18.43 -2.32 31.73
C ALA A 411 -17.25 -2.26 32.70
N LEU A 412 -16.15 -1.66 32.24
CA LEU A 412 -14.88 -1.63 32.96
C LEU A 412 -13.90 -0.75 32.20
N SER A 413 -13.06 0.01 32.90
CA SER A 413 -12.03 0.78 32.20
C SER A 413 -10.65 0.20 32.47
N LEU A 414 -9.76 0.31 31.48
CA LEU A 414 -8.47 -0.39 31.54
C LEU A 414 -7.58 0.16 32.64
N THR A 415 -7.94 1.34 33.15
CA THR A 415 -7.29 1.86 34.36
C THR A 415 -7.46 0.82 35.48
N ASP A 416 -8.61 0.15 35.49
CA ASP A 416 -8.93 -0.86 36.50
C ASP A 416 -8.77 -2.31 36.03
N LEU A 417 -8.40 -2.51 34.76
CA LEU A 417 -8.44 -3.86 34.17
C LEU A 417 -7.44 -4.80 34.85
N ASP A 418 -6.32 -4.24 35.27
CA ASP A 418 -5.35 -4.96 36.07
C ASP A 418 -6.02 -5.48 37.35
N ASN A 419 -6.97 -4.70 37.86
CA ASN A 419 -7.75 -5.07 39.03
C ASN A 419 -9.02 -5.84 38.65
N TYR A 420 -8.90 -7.15 38.45
CA TYR A 420 -10.06 -7.99 38.20
C TYR A 420 -9.69 -9.47 38.34
N GLU A 423 -12.85 -14.85 39.21
CA GLU A 423 -12.61 -16.14 38.54
C GLU A 423 -11.12 -16.29 38.19
N ASP A 424 -10.63 -17.53 38.08
CA ASP A 424 -9.22 -17.75 37.77
C ASP A 424 -8.98 -18.54 36.47
N GLY A 425 -10.05 -18.77 35.71
CA GLY A 425 -9.92 -19.44 34.42
C GLY A 425 -10.61 -18.64 33.34
N MET A 426 -10.44 -17.32 33.39
CA MET A 426 -11.11 -16.42 32.45
C MET A 426 -10.46 -16.38 31.06
N VAL A 427 -11.13 -15.68 30.14
CA VAL A 427 -10.63 -15.45 28.80
C VAL A 427 -10.51 -13.95 28.53
N LEU A 428 -9.33 -13.54 28.07
CA LEU A 428 -9.07 -12.13 27.74
C LEU A 428 -8.92 -11.98 26.22
N ALA A 429 -9.51 -10.94 25.66
CA ALA A 429 -9.44 -10.75 24.22
C ALA A 429 -9.15 -9.30 23.86
N ASN A 430 -7.89 -8.99 23.54
CA ASN A 430 -7.54 -7.67 23.04
C ASN A 430 -8.01 -7.47 21.61
N THR A 431 -8.72 -6.38 21.36
CA THR A 431 -9.23 -6.07 20.04
C THR A 431 -8.83 -4.66 19.64
N THR A 432 -7.99 -4.01 20.46
CA THR A 432 -7.41 -2.70 20.12
C THR A 432 -6.11 -2.84 19.32
N SER A 433 -5.51 -1.70 18.96
CA SER A 433 -4.22 -1.67 18.27
C SER A 433 -3.06 -1.66 19.25
N MET A 434 -3.34 -1.72 20.55
CA MET A 434 -2.27 -1.71 21.53
C MET A 434 -1.37 -2.94 21.36
N GLY A 435 -0.06 -2.72 21.34
CA GLY A 435 0.89 -3.77 21.04
C GLY A 435 1.28 -3.89 19.57
N MET A 436 0.53 -3.23 18.69
CA MET A 436 0.82 -3.30 17.25
C MET A 436 2.08 -2.54 16.91
N GLN A 437 2.87 -3.08 15.96
CA GLN A 437 4.10 -2.42 15.51
C GLN A 437 3.81 -0.99 15.07
N PRO A 438 4.68 -0.04 15.45
CA PRO A 438 5.93 -0.23 16.18
C PRO A 438 5.82 -0.17 17.71
N ASN A 439 4.62 -0.30 18.25
CA ASN A 439 4.46 -0.23 19.71
C ASN A 439 4.55 -1.58 20.39
N VAL A 440 5.70 -2.21 20.22
CA VAL A 440 5.86 -3.60 20.56
C VAL A 440 5.99 -3.86 22.07
N GLU A 441 6.27 -2.82 22.85
CA GLU A 441 6.37 -2.98 24.31
C GLU A 441 5.15 -2.45 25.05
N GLU A 442 4.15 -2.04 24.28
CA GLU A 442 2.86 -1.65 24.85
C GLU A 442 1.98 -2.87 25.03
N THR A 443 1.49 -3.08 26.26
CA THR A 443 0.50 -4.13 26.51
C THR A 443 -0.70 -3.51 27.21
N PRO A 444 -1.91 -4.04 26.93
CA PRO A 444 -3.13 -3.46 27.49
C PRO A 444 -3.39 -3.86 28.95
N ILE A 445 -2.56 -4.72 29.52
CA ILE A 445 -2.82 -5.23 30.85
C ILE A 445 -1.53 -5.72 31.53
N SER A 446 -1.48 -5.56 32.85
CA SER A 446 -0.33 -6.02 33.63
C SER A 446 -0.22 -7.53 33.61
N LYS A 447 1.02 -8.01 33.47
CA LYS A 447 1.32 -9.42 33.42
C LYS A 447 0.82 -10.20 34.65
N ASP A 448 0.76 -9.52 35.79
CA ASP A 448 0.35 -10.16 37.04
C ASP A 448 -1.11 -10.62 36.98
N ALA A 449 -1.95 -9.85 36.30
CA ALA A 449 -3.38 -10.17 36.19
C ALA A 449 -3.64 -11.37 35.26
N LEU A 450 -2.62 -11.80 34.53
CA LEU A 450 -2.83 -12.78 33.47
C LEU A 450 -3.00 -14.21 33.99
N LYS A 451 -2.37 -14.56 35.11
CA LYS A 451 -2.50 -15.93 35.63
C LYS A 451 -3.93 -16.23 36.11
N HIS A 452 -4.78 -15.21 36.09
CA HIS A 452 -6.21 -15.42 36.32
C HIS A 452 -6.96 -15.65 35.00
N TYR A 453 -6.22 -16.03 33.95
CA TYR A 453 -6.83 -16.26 32.66
C TYR A 453 -6.39 -17.60 32.08
N ALA A 454 -7.35 -18.34 31.52
CA ALA A 454 -7.06 -19.62 30.89
C ALA A 454 -6.53 -19.38 29.48
N LEU A 455 -7.15 -18.44 28.80
CA LEU A 455 -6.82 -18.14 27.41
C LEU A 455 -6.84 -16.64 27.15
N VAL A 456 -5.92 -16.21 26.30
CA VAL A 456 -5.83 -14.81 25.91
C VAL A 456 -5.70 -14.68 24.40
N PHE A 457 -6.60 -13.89 23.80
CA PHE A 457 -6.59 -13.66 22.38
C PHE A 457 -6.20 -12.22 22.08
N ASP A 458 -5.27 -12.05 21.15
CA ASP A 458 -4.85 -10.73 20.69
C ASP A 458 -5.13 -10.58 19.20
N ALA A 459 -6.04 -9.67 18.81
CA ALA A 459 -6.32 -9.42 17.40
C ALA A 459 -5.12 -8.88 16.62
N VAL A 460 -4.18 -8.27 17.32
CA VAL A 460 -2.94 -7.78 16.70
C VAL A 460 -2.15 -8.94 16.14
N TYR A 461 -1.86 -8.92 14.85
CA TYR A 461 -1.04 -9.97 14.26
C TYR A 461 0.29 -9.40 13.74
N THR A 462 0.54 -8.12 14.01
CA THR A 462 1.80 -7.49 13.63
C THR A 462 2.33 -6.67 14.80
N PRO A 463 3.27 -7.25 15.58
CA PRO A 463 3.95 -8.53 15.36
C PRO A 463 3.10 -9.73 15.74
N ARG A 464 3.57 -10.92 15.41
CA ARG A 464 2.85 -12.15 15.72
C ARG A 464 2.82 -12.42 17.22
N ILE A 465 3.97 -12.28 17.87
CA ILE A 465 4.03 -12.33 19.32
C ILE A 465 4.06 -10.92 19.88
N THR A 466 2.90 -10.44 20.33
CA THR A 466 2.85 -9.15 21.02
C THR A 466 3.44 -9.28 22.41
N ARG A 467 3.60 -8.16 23.11
CA ARG A 467 4.00 -8.24 24.51
C ARG A 467 2.91 -8.97 25.30
N LEU A 468 1.66 -8.71 24.95
CA LEU A 468 0.53 -9.35 25.61
C LEU A 468 0.59 -10.87 25.51
N LEU A 469 0.79 -11.38 24.31
CA LEU A 469 0.81 -12.83 24.11
C LEU A 469 2.08 -13.46 24.70
N ARG A 470 3.19 -12.71 24.64
CA ARG A 470 4.44 -13.21 25.20
C ARG A 470 4.28 -13.45 26.69
N GLU A 471 3.83 -12.42 27.40
CA GLU A 471 3.70 -12.46 28.85
C GLU A 471 2.61 -13.43 29.28
N ALA A 472 1.61 -13.58 28.44
CA ALA A 472 0.49 -14.47 28.76
C ALA A 472 0.91 -15.92 28.72
N GLU A 473 1.83 -16.24 27.80
CA GLU A 473 2.30 -17.60 27.62
C GLU A 473 3.13 -18.01 28.84
N GLU A 474 3.98 -17.10 29.32
CA GLU A 474 4.81 -17.41 30.48
C GLU A 474 4.01 -17.22 31.77
N SER A 475 2.74 -16.84 31.62
CA SER A 475 1.80 -16.81 32.72
C SER A 475 0.98 -18.10 32.73
N GLY A 476 1.44 -19.06 31.93
CA GLY A 476 0.82 -20.37 31.86
C GLY A 476 -0.43 -20.47 30.99
N ALA A 477 -1.00 -19.32 30.63
CA ALA A 477 -2.28 -19.27 29.89
C ALA A 477 -2.20 -19.84 28.47
N ILE A 478 -3.36 -20.08 27.87
CA ILE A 478 -3.41 -20.48 26.47
C ILE A 478 -3.36 -19.23 25.60
N THR A 479 -2.51 -19.23 24.57
CA THR A 479 -2.43 -18.09 23.67
C THR A 479 -3.02 -18.40 22.29
N VAL A 480 -3.97 -17.58 21.87
CA VAL A 480 -4.46 -17.59 20.49
C VAL A 480 -4.07 -16.28 19.81
N SER A 481 -3.29 -16.39 18.75
CA SER A 481 -2.69 -15.22 18.11
C SER A 481 -3.64 -14.55 17.13
N GLY A 482 -3.27 -13.34 16.72
CA GLY A 482 -4.09 -12.56 15.80
C GLY A 482 -4.30 -13.23 14.46
N SER A 483 -3.28 -13.95 13.99
CA SER A 483 -3.34 -14.59 12.67
C SER A 483 -4.48 -15.62 12.56
N GLU A 484 -4.76 -16.33 13.65
CA GLU A 484 -5.89 -17.25 13.67
C GLU A 484 -7.17 -16.48 13.34
N MET A 485 -7.36 -15.33 13.96
CA MET A 485 -8.48 -14.46 13.60
C MET A 485 -8.33 -13.89 12.19
N PHE A 486 -7.12 -13.41 11.87
CA PHE A 486 -6.90 -12.67 10.63
C PHE A 486 -7.21 -13.52 9.40
N VAL A 487 -6.67 -14.74 9.37
CA VAL A 487 -6.87 -15.59 8.22
C VAL A 487 -8.34 -15.94 8.06
N ARG A 488 -9.02 -16.20 9.17
CA ARG A 488 -10.43 -16.60 9.08
C ARG A 488 -11.29 -15.47 8.54
N GLN A 489 -11.10 -14.26 9.06
CA GLN A 489 -11.96 -13.16 8.60
C GLN A 489 -11.61 -12.84 7.15
N ALA A 490 -10.39 -13.18 6.75
CA ALA A 490 -9.89 -12.81 5.43
C ALA A 490 -10.46 -13.71 4.33
N TYR A 491 -10.52 -15.01 4.57
CA TYR A 491 -11.01 -15.85 3.49
C TYR A 491 -12.52 -15.66 3.36
N GLU A 492 -13.16 -15.17 4.43
CA GLU A 492 -14.56 -14.81 4.31
C GLU A 492 -14.74 -13.54 3.48
N GLN A 493 -13.76 -12.64 3.53
CA GLN A 493 -13.82 -11.43 2.72
C GLN A 493 -13.60 -11.78 1.25
N PHE A 494 -12.69 -12.72 1.00
CA PHE A 494 -12.49 -13.24 -0.35
C PHE A 494 -13.83 -13.67 -0.95
N GLU A 495 -14.58 -14.47 -0.18
CA GLU A 495 -15.85 -15.02 -0.67
C GLU A 495 -16.82 -13.90 -1.01
N ILE A 496 -16.92 -12.92 -0.13
CA ILE A 496 -17.72 -11.73 -0.40
C ILE A 496 -17.22 -11.00 -1.63
N PHE A 497 -15.92 -10.73 -1.69
CA PHE A 497 -15.33 -10.02 -2.83
C PHE A 497 -15.55 -10.74 -4.18
N THR A 498 -15.21 -12.03 -4.23
CA THR A 498 -15.21 -12.74 -5.51
C THR A 498 -16.49 -13.51 -5.85
N GLY A 499 -17.30 -13.83 -4.84
CA GLY A 499 -18.41 -14.73 -5.08
C GLY A 499 -17.96 -16.17 -5.24
N LEU A 500 -16.67 -16.42 -4.99
CA LEU A 500 -16.11 -17.75 -5.07
C LEU A 500 -16.01 -18.33 -3.68
N PRO A 501 -16.20 -19.65 -3.55
CA PRO A 501 -16.08 -20.32 -2.25
C PRO A 501 -14.77 -20.01 -1.56
N ALA A 502 -14.82 -19.64 -0.29
CA ALA A 502 -13.62 -19.33 0.46
C ALA A 502 -12.63 -20.50 0.39
N PRO A 503 -11.44 -20.26 -0.17
CA PRO A 503 -10.43 -21.33 -0.22
C PRO A 503 -9.66 -21.31 1.06
N LYS A 504 -10.23 -21.91 2.10
CA LYS A 504 -9.70 -21.74 3.44
C LYS A 504 -8.30 -22.31 3.56
N GLU A 505 -8.09 -23.55 3.10
CA GLU A 505 -6.79 -24.18 3.15
C GLU A 505 -5.73 -23.35 2.43
N LEU A 506 -6.14 -22.74 1.32
CA LEU A 506 -5.26 -21.86 0.58
C LEU A 506 -4.81 -20.67 1.43
N TYR A 507 -5.75 -20.00 2.08
CA TYR A 507 -5.44 -18.81 2.86
C TYR A 507 -4.50 -19.14 4.02
N TRP A 508 -4.66 -20.31 4.63
CA TRP A 508 -3.74 -20.74 5.68
C TRP A 508 -2.34 -20.92 5.11
N GLN A 509 -2.27 -21.58 3.95
CA GLN A 509 -1.00 -21.84 3.27
C GLN A 509 -0.30 -20.54 2.87
N ILE A 510 -1.07 -19.60 2.33
CA ILE A 510 -0.55 -18.29 1.94
C ILE A 510 0.00 -17.51 3.13
N MET A 511 -0.74 -17.49 4.23
CA MET A 511 -0.29 -16.81 5.43
C MET A 511 1.02 -17.38 5.99
N SER A 512 1.09 -18.71 6.03
CA SER A 512 2.28 -19.42 6.46
C SER A 512 3.50 -19.09 5.59
N LYS A 513 3.32 -19.11 4.28
CA LYS A 513 4.43 -18.99 3.34
C LYS A 513 4.80 -17.55 3.00
N TYR A 514 3.80 -16.67 2.96
CA TYR A 514 4.03 -15.31 2.53
C TYR A 514 3.73 -14.24 3.58
N GLY A 515 3.13 -14.65 4.70
CA GLY A 515 2.66 -13.69 5.69
C GLY A 515 3.37 -13.76 7.02
N SER A 516 4.58 -14.30 7.03
CA SER A 516 5.24 -14.62 8.29
C SER A 516 6.33 -13.64 8.71
N ARG A 517 6.76 -12.76 7.80
CA ARG A 517 7.86 -11.85 8.09
C ARG A 517 7.40 -10.69 8.97
N GLU A 518 8.29 -10.26 9.87
CA GLU A 518 7.95 -9.21 10.82
C GLU A 518 8.53 -7.84 10.45
N ASN A 519 7.98 -6.81 11.09
CA ASN A 519 8.40 -5.43 10.92
C ASN A 519 8.32 -4.94 9.49
N LEU A 520 7.28 -5.36 8.77
CA LEU A 520 7.10 -4.91 7.41
C LEU A 520 6.20 -3.70 7.40
N TYR A 521 6.62 -2.66 6.69
CA TYR A 521 5.76 -1.52 6.47
C TYR A 521 5.64 -1.30 4.98
N PHE A 522 4.40 -1.21 4.52
CA PHE A 522 4.13 -0.96 3.11
C PHE A 522 3.68 0.49 2.94
N GLN A 523 4.61 1.34 2.50
CA GLN A 523 4.38 2.79 2.54
C GLN A 523 5.33 3.58 1.66
S SO4 B . -13.02 1.35 14.55
O1 SO4 B . -12.55 0.84 13.26
O2 SO4 B . -12.15 2.43 15.01
O3 SO4 B . -14.38 1.88 14.39
O4 SO4 B . -12.98 0.26 15.52
S SO4 C . 13.27 27.11 -10.70
O1 SO4 C . 12.76 28.47 -10.46
O2 SO4 C . 14.42 27.20 -11.60
O3 SO4 C . 12.20 26.32 -11.32
O4 SO4 C . 13.68 26.55 -9.40
C1 QIC D . -7.34 -5.77 9.06
O1 QIC D . -7.47 -4.58 9.76
C2 QIC D . -7.56 -6.88 10.06
O2 QIC D . -8.98 -5.57 11.37
C3 QIC D . -8.95 -6.79 10.71
O3 QIC D . -11.29 -6.72 10.12
C4 QIC D . -10.01 -6.88 9.55
O4 QIC D . -10.65 -5.83 7.46
C5 QIC D . -9.76 -5.71 8.54
O5 QIC D . -5.73 -5.82 7.26
C6 QIC D . -8.35 -5.85 7.94
O6 QIC D . -4.97 -5.89 9.31
C7 QIC D . -5.89 -5.84 8.44
#